data_5DF6
#
_entry.id   5DF6
#
_cell.length_a   28.470
_cell.length_b   72.166
_cell.length_c   62.547
_cell.angle_alpha   90.00
_cell.angle_beta   101.77
_cell.angle_gamma   90.00
#
_symmetry.space_group_name_H-M   'P 1 21 1'
#
loop_
_entity.id
_entity.type
_entity.pdbx_description
1 polymer 'Tyrosine-protein phosphatase non-receptor type 11'
2 polymer txnip
3 non-polymer 'UNKNOWN ATOM OR ION'
4 water water
#
loop_
_entity_poly.entity_id
_entity_poly.type
_entity_poly.pdbx_seq_one_letter_code
_entity_poly.pdbx_strand_id
1 'polypeptide(L)'
;GSSHHHHHHSSGRRASVENLYFQGSGRAMTSRRWFHPNITGVEAENLLLTRGVDGSFLARPSKSNPGDFTLSVRRNGAVT
HIKIQNTGDYYDLYGGEKFATLAELVQYYMEHHGQLKEKNGDVIELKYPLNCADPTSERWFHGHLSGKEAEKLLTEKGKH
GSFLVRESQSHPGDFVLSVRTGDDKGESNDGKSKVTHVMIRCQELKYDVGGGERFDSLTDLVEHYKKNPMVETLGTVLQL
KQPLNTTRINLINEF
;
A
2 'polypeptide(L)' KFMPPPT(PTR)TEVD(NH2) B,C
#
# COMPACT_ATOMS: atom_id res chain seq x y z
N ARG A 32 -4.13 -7.97 12.74
N ARG A 32 -3.29 -5.56 13.23
CA ARG A 32 -4.04 -6.50 12.50
CA ARG A 32 -4.13 -6.60 12.57
C ARG A 32 -4.73 -6.03 11.21
C ARG A 32 -4.77 -6.03 11.28
N ARG A 33 -5.73 -6.78 10.72
CA ARG A 33 -6.53 -6.45 9.54
C ARG A 33 -6.85 -4.97 9.23
N TRP A 34 -7.29 -4.26 10.27
CA TRP A 34 -7.78 -2.85 10.23
C TRP A 34 -6.64 -1.80 10.11
N PHE A 35 -5.37 -2.24 10.15
CA PHE A 35 -4.25 -1.29 10.09
C PHE A 35 -3.75 -1.15 8.64
N HIS A 36 -3.65 0.09 8.18
CA HIS A 36 -3.21 0.47 6.85
C HIS A 36 -1.92 1.29 6.94
N PRO A 37 -0.79 0.65 6.60
CA PRO A 37 0.47 1.36 6.83
C PRO A 37 0.76 2.56 5.96
N ASN A 38 0.19 2.67 4.78
CA ASN A 38 0.83 3.63 3.88
C ASN A 38 -0.09 4.61 3.30
N ILE A 39 -1.09 5.00 4.09
CA ILE A 39 -2.11 5.87 3.56
C ILE A 39 -2.20 7.16 4.31
N THR A 40 -2.74 8.15 3.62
CA THR A 40 -3.10 9.45 4.13
C THR A 40 -4.53 9.48 4.61
N GLY A 41 -4.85 10.55 5.31
CA GLY A 41 -6.23 10.86 5.67
C GLY A 41 -7.17 10.92 4.47
N VAL A 42 -6.74 11.52 3.35
CA VAL A 42 -7.60 11.49 2.14
C VAL A 42 -7.83 10.09 1.54
N GLU A 43 -6.78 9.28 1.46
CA GLU A 43 -6.91 7.86 1.09
C GLU A 43 -7.85 7.08 2.01
N ALA A 44 -7.69 7.27 3.32
CA ALA A 44 -8.57 6.69 4.33
C ALA A 44 -10.03 7.00 4.05
N GLU A 45 -10.31 8.26 3.78
CA GLU A 45 -11.69 8.70 3.46
C GLU A 45 -12.18 8.00 2.21
N ASN A 46 -11.31 7.91 1.21
CA ASN A 46 -11.69 7.26 -0.03
CA ASN A 46 -11.67 7.25 -0.05
C ASN A 46 -12.07 5.79 0.13
N LEU A 47 -11.22 5.02 0.82
CA LEU A 47 -11.53 3.61 1.13
C LEU A 47 -12.85 3.46 1.92
N LEU A 48 -12.98 4.27 2.97
CA LEU A 48 -14.16 4.20 3.82
C LEU A 48 -15.46 4.49 3.07
N LEU A 49 -15.38 5.50 2.22
CA LEU A 49 -16.51 5.91 1.43
C LEU A 49 -16.74 5.01 0.23
N THR A 50 -15.74 4.23 -0.18
CA THR A 50 -15.91 3.37 -1.33
C THR A 50 -16.21 1.95 -0.92
N ARG A 51 -15.37 1.37 -0.05
CA ARG A 51 -15.50 -0.02 0.37
C ARG A 51 -16.25 -0.17 1.68
N GLY A 52 -16.43 0.93 2.41
CA GLY A 52 -16.96 0.84 3.74
C GLY A 52 -18.44 1.12 3.78
N VAL A 53 -19.04 0.79 4.92
CA VAL A 53 -20.42 1.09 5.28
C VAL A 53 -20.36 1.86 6.57
N ASP A 54 -21.48 2.43 7.01
CA ASP A 54 -21.47 3.17 8.28
C ASP A 54 -21.11 2.22 9.41
N GLY A 55 -20.19 2.67 10.28
CA GLY A 55 -19.56 1.76 11.27
C GLY A 55 -18.18 1.21 10.86
N SER A 56 -17.81 1.31 9.57
CA SER A 56 -16.47 0.99 9.12
C SER A 56 -15.38 1.88 9.71
N PHE A 57 -14.24 1.26 9.94
CA PHE A 57 -13.06 2.01 10.48
C PHE A 57 -11.77 1.33 10.11
N LEU A 58 -10.66 2.08 10.28
CA LEU A 58 -9.34 1.60 10.13
C LEU A 58 -8.43 2.48 10.98
N ALA A 59 -7.25 1.96 11.26
CA ALA A 59 -6.18 2.75 11.85
C ALA A 59 -5.02 2.93 10.83
N ARG A 60 -4.24 4.00 11.03
CA ARG A 60 -3.16 4.31 10.13
C ARG A 60 -2.15 5.22 10.87
N PRO A 61 -0.97 5.39 10.25
CA PRO A 61 -0.02 6.39 10.85
C PRO A 61 -0.51 7.82 10.78
N SER A 62 -0.14 8.66 11.76
CA SER A 62 -0.54 10.05 11.69
C SER A 62 0.41 10.72 10.68
N LYS A 63 -0.13 11.59 9.82
CA LYS A 63 0.68 12.44 8.94
CA LYS A 63 0.65 12.47 8.92
C LYS A 63 1.02 13.77 9.67
N SER A 64 0.07 14.32 10.39
CA SER A 64 0.28 15.62 11.10
C SER A 64 1.21 15.53 12.28
N ASN A 65 1.31 14.34 12.84
CA ASN A 65 2.15 14.10 13.98
C ASN A 65 2.89 12.76 13.94
N PRO A 66 4.00 12.70 13.14
CA PRO A 66 4.72 11.45 12.95
C PRO A 66 5.09 10.73 14.21
N GLY A 67 4.76 9.45 14.25
CA GLY A 67 4.89 8.67 15.44
C GLY A 67 3.53 8.43 16.12
N ASP A 68 2.57 9.35 15.96
CA ASP A 68 1.25 9.13 16.48
C ASP A 68 0.51 8.20 15.48
N PHE A 69 -0.72 7.86 15.79
CA PHE A 69 -1.61 7.07 14.88
C PHE A 69 -2.92 7.79 14.80
N THR A 70 -3.80 7.33 13.90
CA THR A 70 -5.07 7.98 13.63
C THR A 70 -6.10 6.89 13.41
N LEU A 71 -7.22 7.04 14.09
CA LEU A 71 -8.41 6.24 13.81
CA LEU A 71 -8.43 6.23 13.80
C LEU A 71 -9.36 6.98 12.86
N SER A 72 -9.65 6.39 11.72
CA SER A 72 -10.56 7.02 10.80
C SER A 72 -11.81 6.13 10.74
N VAL A 73 -12.96 6.73 10.99
CA VAL A 73 -14.20 6.02 11.14
C VAL A 73 -15.27 6.63 10.25
N ARG A 74 -16.06 5.77 9.63
CA ARG A 74 -17.23 6.21 8.90
C ARG A 74 -18.49 6.21 9.77
N ARG A 75 -19.14 7.36 9.81
CA ARG A 75 -20.46 7.47 10.41
C ARG A 75 -21.28 8.55 9.76
N ASN A 76 -22.58 8.26 9.54
CA ASN A 76 -23.53 9.23 8.94
C ASN A 76 -23.04 9.72 7.59
N GLY A 77 -22.67 8.77 6.74
CA GLY A 77 -22.11 9.05 5.43
C GLY A 77 -20.78 9.79 5.33
N ALA A 78 -20.19 10.21 6.47
CA ALA A 78 -18.92 10.97 6.48
C ALA A 78 -17.80 10.26 7.31
N VAL A 79 -16.62 10.84 7.34
CA VAL A 79 -15.46 10.20 7.96
C VAL A 79 -14.95 11.14 9.04
N THR A 80 -14.66 10.55 10.19
CA THR A 80 -14.19 11.21 11.38
C THR A 80 -12.78 10.70 11.59
N HIS A 81 -11.85 11.60 11.92
CA HIS A 81 -10.47 11.19 12.18
C HIS A 81 -10.20 11.49 13.62
N ILE A 82 -9.48 10.59 14.34
CA ILE A 82 -9.26 10.72 15.77
C ILE A 82 -7.84 10.44 16.06
N LYS A 83 -7.20 11.37 16.74
CA LYS A 83 -5.83 11.28 17.06
C LYS A 83 -5.55 10.19 18.09
N ILE A 84 -4.52 9.39 17.85
CA ILE A 84 -4.08 8.36 18.76
C ILE A 84 -2.66 8.70 19.25
N GLN A 85 -2.56 9.00 20.56
CA GLN A 85 -1.28 9.35 21.15
C GLN A 85 -0.43 8.13 21.32
N ASN A 86 0.84 8.26 20.93
CA ASN A 86 1.83 7.22 21.20
C ASN A 86 2.95 7.85 22.06
N THR A 87 2.98 7.58 23.38
CA THR A 87 3.87 8.31 24.26
C THR A 87 5.25 7.71 24.22
N GLY A 88 5.32 6.48 23.72
CA GLY A 88 6.50 5.67 23.82
C GLY A 88 6.31 4.58 24.85
N ASP A 89 5.62 4.90 25.96
CA ASP A 89 5.24 3.91 26.97
C ASP A 89 3.82 3.35 26.81
N TYR A 90 2.87 4.17 26.37
CA TYR A 90 1.50 3.70 26.11
C TYR A 90 0.83 4.46 24.96
N TYR A 91 -0.31 3.90 24.54
CA TYR A 91 -1.24 4.52 23.63
C TYR A 91 -2.56 4.95 24.29
N ASP A 92 -3.05 6.14 23.95
CA ASP A 92 -4.41 6.54 24.28
C ASP A 92 -5.00 7.48 23.23
N LEU A 93 -6.24 7.93 23.44
CA LEU A 93 -6.86 8.92 22.57
C LEU A 93 -6.78 10.29 23.14
N TYR A 94 -5.61 10.64 23.66
CA TYR A 94 -5.39 11.95 24.35
C TYR A 94 -6.41 12.14 25.48
N GLY A 95 -6.60 11.06 26.22
CA GLY A 95 -7.58 10.97 27.31
C GLY A 95 -8.08 9.53 27.35
N GLY A 96 -8.82 9.20 28.40
CA GLY A 96 -9.49 7.90 28.57
C GLY A 96 -8.47 6.87 28.99
N GLU A 97 -8.77 5.63 28.63
CA GLU A 97 -7.99 4.48 29.01
C GLU A 97 -6.71 4.41 28.21
N LYS A 98 -5.67 3.91 28.87
CA LYS A 98 -4.31 3.77 28.31
C LYS A 98 -4.02 2.30 27.98
N PHE A 99 -3.26 2.03 26.93
CA PHE A 99 -3.00 0.69 26.48
C PHE A 99 -1.57 0.45 26.16
N ALA A 100 -1.16 -0.81 26.26
CA ALA A 100 0.26 -1.14 26.00
C ALA A 100 0.58 -1.13 24.52
N THR A 101 -0.34 -1.60 23.68
CA THR A 101 -0.14 -1.64 22.24
C THR A 101 -1.31 -0.92 21.51
N LEU A 102 -1.04 -0.42 20.30
CA LEU A 102 -2.11 -0.02 19.40
C LEU A 102 -3.22 -1.06 19.21
N ALA A 103 -2.87 -2.33 19.06
CA ALA A 103 -3.92 -3.35 18.90
C ALA A 103 -4.79 -3.54 20.14
N GLU A 104 -4.22 -3.41 21.33
CA GLU A 104 -5.06 -3.48 22.54
C GLU A 104 -6.05 -2.32 22.58
N LEU A 105 -5.58 -1.13 22.20
CA LEU A 105 -6.49 0.02 22.16
C LEU A 105 -7.64 -0.20 21.23
N VAL A 106 -7.34 -0.63 20.02
CA VAL A 106 -8.31 -0.72 19.00
C VAL A 106 -9.32 -1.81 19.41
N GLN A 107 -8.80 -2.92 19.93
CA GLN A 107 -9.65 -4.05 20.31
CA GLN A 107 -9.66 -4.03 20.30
C GLN A 107 -10.54 -3.68 21.50
N TYR A 108 -10.04 -2.82 22.40
CA TYR A 108 -10.84 -2.35 23.51
C TYR A 108 -12.07 -1.60 23.04
N TYR A 109 -11.83 -0.67 22.14
CA TYR A 109 -12.93 0.17 21.64
C TYR A 109 -13.89 -0.67 20.72
N MET A 110 -13.40 -1.67 20.01
CA MET A 110 -14.29 -2.57 19.24
C MET A 110 -15.20 -3.37 20.17
N GLU A 111 -14.64 -3.83 21.29
CA GLU A 111 -15.32 -4.74 22.22
C GLU A 111 -16.25 -4.11 23.24
N HIS A 112 -16.17 -2.80 23.41
CA HIS A 112 -16.85 -2.10 24.47
C HIS A 112 -17.59 -0.94 23.85
N HIS A 113 -18.71 -1.27 23.25
CA HIS A 113 -19.55 -0.30 22.58
C HIS A 113 -20.00 0.76 23.63
N GLY A 114 -19.83 2.04 23.34
CA GLY A 114 -20.17 3.12 24.24
C GLY A 114 -18.94 3.78 24.89
N GLN A 115 -17.77 3.12 24.81
CA GLN A 115 -16.50 3.70 25.42
C GLN A 115 -15.88 4.82 24.59
N LEU A 116 -16.30 4.91 23.32
CA LEU A 116 -15.83 5.91 22.42
C LEU A 116 -17.00 6.78 22.01
N LYS A 117 -16.82 8.09 22.17
CA LYS A 117 -17.86 9.03 21.80
C LYS A 117 -17.26 10.38 21.47
N GLU A 118 -17.97 11.15 20.65
CA GLU A 118 -17.54 12.51 20.44
C GLU A 118 -17.80 13.26 21.74
N LYS A 119 -16.91 14.18 22.07
CA LYS A 119 -17.11 15.04 23.24
C LYS A 119 -18.44 15.76 23.03
N ASN A 120 -19.34 15.66 23.99
CA ASN A 120 -20.70 16.18 23.86
C ASN A 120 -21.45 15.63 22.65
N GLY A 121 -21.03 14.46 22.18
CA GLY A 121 -21.59 13.89 20.96
C GLY A 121 -22.04 12.46 21.15
N ASP A 122 -22.28 11.81 20.04
CA ASP A 122 -22.82 10.49 20.06
C ASP A 122 -21.65 9.56 20.28
N VAL A 123 -22.04 8.38 20.72
CA VAL A 123 -21.19 7.23 20.75
C VAL A 123 -20.76 6.96 19.29
N ILE A 124 -19.51 6.57 19.17
CA ILE A 124 -18.90 6.23 17.88
C ILE A 124 -18.62 4.74 17.92
N GLU A 125 -19.18 4.00 16.98
CA GLU A 125 -19.11 2.55 17.01
C GLU A 125 -18.00 2.06 16.05
N LEU A 126 -17.04 1.30 16.56
CA LEU A 126 -16.02 0.62 15.71
C LEU A 126 -16.52 -0.78 15.39
N LYS A 127 -17.37 -0.88 14.36
CA LYS A 127 -18.18 -2.11 14.11
C LYS A 127 -17.58 -3.01 13.02
N TYR A 128 -17.23 -2.39 11.90
CA TYR A 128 -16.77 -3.08 10.71
C TYR A 128 -15.35 -2.70 10.32
N PRO A 129 -14.38 -3.46 10.74
CA PRO A 129 -13.02 -3.23 10.28
C PRO A 129 -12.85 -3.22 8.77
N LEU A 130 -12.09 -2.25 8.28
CA LEU A 130 -11.86 -2.14 6.83
C LEU A 130 -10.49 -2.69 6.62
N ASN A 131 -10.47 -3.88 6.05
CA ASN A 131 -9.24 -4.65 5.97
C ASN A 131 -8.27 -4.02 4.94
N CYS A 132 -6.99 -4.11 5.23
CA CYS A 132 -5.94 -3.63 4.35
C CYS A 132 -5.66 -4.69 3.34
N ALA A 133 -6.11 -4.49 2.11
CA ALA A 133 -6.11 -5.57 1.12
C ALA A 133 -5.05 -5.24 0.09
N ASP A 134 -4.55 -6.25 -0.60
CA ASP A 134 -3.63 -6.03 -1.73
C ASP A 134 -4.29 -5.19 -2.81
N PRO A 135 -3.50 -4.44 -3.59
CA PRO A 135 -4.10 -3.59 -4.64
C PRO A 135 -4.63 -4.41 -5.82
N THR A 136 -4.32 -5.70 -5.86
CA THR A 136 -4.90 -6.60 -6.87
C THR A 136 -4.81 -8.01 -6.38
N SER A 137 -5.66 -8.90 -6.91
CA SER A 137 -5.54 -10.35 -6.62
C SER A 137 -4.81 -11.16 -7.70
N GLU A 138 -4.46 -10.52 -8.79
CA GLU A 138 -3.69 -11.16 -9.86
C GLU A 138 -2.38 -11.80 -9.34
N ARG A 139 -2.02 -12.96 -9.87
CA ARG A 139 -0.88 -13.71 -9.34
C ARG A 139 0.47 -13.12 -9.82
N TRP A 140 0.45 -12.19 -10.74
CA TRP A 140 1.63 -11.35 -11.05
C TRP A 140 2.08 -10.39 -9.97
N PHE A 141 1.27 -10.27 -8.90
CA PHE A 141 1.58 -9.34 -7.80
C PHE A 141 2.18 -10.14 -6.67
N HIS A 142 3.36 -9.75 -6.24
CA HIS A 142 4.13 -10.52 -5.28
C HIS A 142 4.16 -9.86 -3.91
N GLY A 143 3.54 -8.69 -3.77
CA GLY A 143 3.48 -8.01 -2.49
C GLY A 143 4.86 -7.66 -2.01
N HIS A 144 5.21 -8.16 -0.83
CA HIS A 144 6.49 -7.81 -0.24
C HIS A 144 7.61 -8.65 -0.85
N LEU A 145 8.41 -7.99 -1.68
CA LEU A 145 9.48 -8.64 -2.42
C LEU A 145 10.48 -7.55 -2.78
N SER A 146 11.75 -7.77 -2.48
CA SER A 146 12.81 -6.79 -2.72
C SER A 146 13.23 -6.86 -4.16
N GLY A 147 13.90 -5.82 -4.60
CA GLY A 147 14.51 -5.77 -5.91
C GLY A 147 15.46 -6.91 -6.15
N LYS A 148 16.28 -7.22 -5.14
CA LYS A 148 17.27 -8.30 -5.30
C LYS A 148 16.54 -9.63 -5.46
N GLU A 149 15.49 -9.82 -4.69
CA GLU A 149 14.67 -11.03 -4.70
C GLU A 149 13.93 -11.18 -6.01
N ALA A 150 13.38 -10.06 -6.51
CA ALA A 150 12.74 -10.04 -7.84
C ALA A 150 13.72 -10.35 -8.96
N GLU A 151 14.94 -9.83 -8.89
CA GLU A 151 15.98 -10.07 -9.91
CA GLU A 151 15.97 -10.09 -9.91
C GLU A 151 16.31 -11.56 -9.98
N LYS A 152 16.45 -12.19 -8.81
CA LYS A 152 16.83 -13.60 -8.74
C LYS A 152 15.70 -14.52 -9.30
N LEU A 153 14.47 -14.27 -8.87
CA LEU A 153 13.27 -15.01 -9.39
C LEU A 153 13.16 -14.88 -10.91
N LEU A 154 13.25 -13.66 -11.41
CA LEU A 154 13.09 -13.47 -12.87
C LEU A 154 14.25 -14.05 -13.64
N THR A 155 15.46 -13.88 -13.10
CA THR A 155 16.66 -14.43 -13.72
C THR A 155 16.55 -15.94 -13.76
N GLU A 156 16.21 -16.58 -12.63
CA GLU A 156 16.18 -18.04 -12.57
C GLU A 156 14.96 -18.72 -13.14
N LYS A 157 13.78 -18.13 -12.97
CA LYS A 157 12.50 -18.76 -13.36
C LYS A 157 11.76 -18.06 -14.53
N GLY A 158 12.26 -16.91 -14.97
CA GLY A 158 11.66 -16.14 -16.05
C GLY A 158 12.42 -16.28 -17.34
N LYS A 159 11.89 -15.69 -18.38
CA LYS A 159 12.55 -15.62 -19.66
C LYS A 159 12.12 -14.28 -20.25
N HIS A 160 12.48 -14.07 -21.50
CA HIS A 160 12.27 -12.77 -22.12
C HIS A 160 10.86 -12.27 -21.94
N GLY A 161 10.73 -11.09 -21.34
CA GLY A 161 9.39 -10.57 -21.20
C GLY A 161 8.60 -11.05 -20.00
N SER A 162 9.23 -11.83 -19.12
CA SER A 162 8.59 -12.23 -17.85
C SER A 162 8.46 -10.97 -16.99
N PHE A 163 7.35 -10.82 -16.28
CA PHE A 163 7.21 -9.65 -15.41
C PHE A 163 6.50 -9.95 -14.15
N LEU A 164 6.77 -9.13 -13.14
CA LEU A 164 5.95 -9.10 -11.94
C LEU A 164 5.79 -7.72 -11.37
N VAL A 165 4.84 -7.55 -10.44
CA VAL A 165 4.64 -6.29 -9.77
C VAL A 165 4.81 -6.60 -8.29
N ARG A 166 5.49 -5.70 -7.57
CA ARG A 166 5.79 -5.83 -6.15
C ARG A 166 5.72 -4.49 -5.45
N GLU A 167 5.68 -4.52 -4.13
CA GLU A 167 5.73 -3.28 -3.38
C GLU A 167 7.12 -2.70 -3.47
N SER A 168 7.19 -1.36 -3.53
CA SER A 168 8.44 -0.62 -3.42
C SER A 168 8.91 -0.56 -1.99
N GLN A 169 10.12 -1.04 -1.75
CA GLN A 169 10.72 -0.92 -0.40
C GLN A 169 11.26 0.47 -0.11
N SER A 170 11.81 1.17 -1.10
CA SER A 170 12.32 2.53 -0.87
C SER A 170 11.23 3.62 -0.88
N HIS A 171 10.07 3.34 -1.50
CA HIS A 171 8.90 4.28 -1.55
C HIS A 171 7.67 3.55 -1.07
N PRO A 172 7.51 3.48 0.27
CA PRO A 172 6.39 2.75 0.81
C PRO A 172 5.10 3.34 0.34
N GLY A 173 4.19 2.46 -0.08
CA GLY A 173 2.92 2.85 -0.69
C GLY A 173 2.94 2.84 -2.19
N ASP A 174 4.14 2.81 -2.77
CA ASP A 174 4.29 2.71 -4.25
C ASP A 174 4.55 1.30 -4.65
N PHE A 175 4.55 1.04 -5.96
CA PHE A 175 4.80 -0.30 -6.48
C PHE A 175 5.90 -0.31 -7.52
N VAL A 176 6.24 -1.50 -8.00
CA VAL A 176 7.40 -1.65 -8.93
C VAL A 176 7.00 -2.70 -9.95
N LEU A 177 7.21 -2.39 -11.26
CA LEU A 177 7.19 -3.37 -12.35
C LEU A 177 8.58 -3.85 -12.59
N SER A 178 8.83 -5.14 -12.36
CA SER A 178 10.12 -5.73 -12.62
C SER A 178 9.97 -6.69 -13.82
N VAL A 179 10.86 -6.51 -14.83
CA VAL A 179 10.69 -7.13 -16.14
C VAL A 179 12.01 -7.66 -16.60
N ARG A 180 12.03 -8.91 -17.06
CA ARG A 180 13.22 -9.46 -17.67
C ARG A 180 13.33 -9.04 -19.14
N THR A 181 14.53 -8.63 -19.53
CA THR A 181 14.74 -7.91 -20.79
C THR A 181 15.70 -8.76 -21.60
N GLY A 182 15.80 -8.43 -22.89
CA GLY A 182 16.86 -9.02 -23.71
C GLY A 182 16.73 -10.54 -23.91
N ASP A 183 17.82 -11.15 -24.35
CA ASP A 183 17.75 -12.60 -24.67
C ASP A 183 17.57 -13.44 -23.39
N ASP A 184 17.35 -14.74 -23.59
CA ASP A 184 17.07 -15.69 -22.54
C ASP A 184 18.30 -16.11 -21.70
N LYS A 185 19.50 -15.55 -21.95
CA LYS A 185 20.72 -15.86 -21.14
C LYS A 185 20.61 -15.35 -19.71
N GLY A 186 21.40 -15.96 -18.80
CA GLY A 186 21.46 -15.56 -17.38
C GLY A 186 22.22 -14.26 -17.11
N GLU A 187 23.25 -13.99 -17.92
CA GLU A 187 24.11 -12.79 -17.77
C GLU A 187 23.95 -11.91 -19.02
N SER A 188 24.14 -10.59 -18.86
CA SER A 188 24.07 -9.57 -19.93
C SER A 188 25.39 -8.84 -20.03
N LYS A 192 25.27 -5.32 -17.09
CA LYS A 192 24.01 -4.89 -16.51
C LYS A 192 23.05 -6.06 -16.17
N SER A 193 22.21 -5.87 -15.13
CA SER A 193 21.22 -6.89 -14.72
C SER A 193 20.30 -7.26 -15.89
N LYS A 194 19.87 -8.52 -15.99
CA LYS A 194 18.81 -8.92 -16.97
C LYS A 194 17.39 -8.37 -16.65
N VAL A 195 17.25 -7.55 -15.63
CA VAL A 195 15.96 -7.21 -15.06
C VAL A 195 15.93 -5.69 -14.87
N THR A 196 14.84 -5.05 -15.31
CA THR A 196 14.61 -3.62 -15.18
C THR A 196 13.45 -3.46 -14.20
N HIS A 197 13.59 -2.46 -13.36
CA HIS A 197 12.60 -2.09 -12.39
C HIS A 197 12.09 -0.67 -12.65
N VAL A 198 10.78 -0.57 -12.80
CA VAL A 198 10.09 0.69 -13.07
C VAL A 198 9.15 1.00 -11.93
N MET A 199 9.38 2.17 -11.30
CA MET A 199 8.48 2.70 -10.24
C MET A 199 7.04 2.97 -10.74
N ILE A 200 6.07 2.54 -9.96
CA ILE A 200 4.67 2.86 -10.18
C ILE A 200 4.24 3.72 -8.99
N ARG A 201 3.98 5.00 -9.25
CA ARG A 201 3.48 5.92 -8.22
C ARG A 201 2.04 5.60 -7.90
N CYS A 202 1.70 5.67 -6.61
CA CYS A 202 0.32 5.54 -6.15
C CYS A 202 0.07 6.83 -5.35
N GLN A 203 -0.79 7.71 -5.87
CA GLN A 203 -0.97 9.05 -5.29
C GLN A 203 -2.18 9.73 -5.89
N LYS A 206 -4.72 6.49 -7.20
CA LYS A 206 -4.49 6.42 -8.65
C LYS A 206 -3.00 6.16 -8.98
N TYR A 207 -2.75 5.38 -10.05
CA TYR A 207 -1.41 4.83 -10.39
C TYR A 207 -0.84 5.31 -11.72
N ASP A 208 0.41 5.78 -11.72
CA ASP A 208 1.10 6.16 -12.93
C ASP A 208 2.50 5.61 -12.94
N VAL A 209 3.09 5.62 -14.13
CA VAL A 209 4.51 5.46 -14.31
C VAL A 209 5.06 6.80 -14.84
N GLY A 210 5.86 7.47 -14.04
CA GLY A 210 6.60 8.66 -14.48
C GLY A 210 5.76 9.79 -15.04
N GLY A 211 4.59 10.01 -14.46
CA GLY A 211 3.71 11.12 -14.82
C GLY A 211 2.93 11.00 -16.12
N GLY A 212 2.78 9.78 -16.64
CA GLY A 212 1.94 9.53 -17.82
C GLY A 212 0.49 9.32 -17.44
N GLU A 213 -0.23 8.53 -18.25
CA GLU A 213 -1.63 8.21 -18.00
C GLU A 213 -1.82 7.69 -16.55
N ARG A 214 -2.87 8.19 -15.87
CA ARG A 214 -3.20 7.78 -14.50
C ARG A 214 -4.29 6.73 -14.53
N PHE A 215 -4.13 5.66 -13.76
CA PHE A 215 -5.09 4.53 -13.81
C PHE A 215 -5.77 4.35 -12.48
N ASP A 216 -7.00 3.84 -12.49
CA ASP A 216 -7.75 3.67 -11.25
C ASP A 216 -7.35 2.40 -10.54
N SER A 217 -6.73 1.47 -11.26
CA SER A 217 -6.26 0.22 -10.68
C SER A 217 -4.89 -0.18 -11.25
N LEU A 218 -4.10 -0.85 -10.39
CA LEU A 218 -2.88 -1.53 -10.84
C LEU A 218 -3.16 -2.45 -12.00
N THR A 219 -4.21 -3.29 -11.91
CA THR A 219 -4.57 -4.16 -13.03
C THR A 219 -4.75 -3.40 -14.30
N ASP A 220 -5.45 -2.26 -14.23
CA ASP A 220 -5.63 -1.44 -15.43
C ASP A 220 -4.30 -0.90 -15.98
N LEU A 221 -3.38 -0.48 -15.09
CA LEU A 221 -2.08 0.04 -15.53
C LEU A 221 -1.34 -1.11 -16.25
N VAL A 222 -1.26 -2.27 -15.61
CA VAL A 222 -0.59 -3.43 -16.24
C VAL A 222 -1.21 -3.81 -17.58
N GLU A 223 -2.53 -3.86 -17.66
CA GLU A 223 -3.17 -4.08 -18.96
C GLU A 223 -2.72 -3.10 -20.04
N HIS A 224 -2.72 -1.84 -19.67
CA HIS A 224 -2.28 -0.80 -20.56
C HIS A 224 -0.86 -1.03 -21.07
N TYR A 225 0.06 -1.35 -20.17
CA TYR A 225 1.47 -1.43 -20.59
C TYR A 225 1.82 -2.76 -21.24
N LYS A 226 0.93 -3.73 -21.10
CA LYS A 226 1.03 -4.95 -21.90
CA LYS A 226 1.01 -4.95 -21.90
C LYS A 226 0.75 -4.58 -23.33
N LYS A 227 -0.26 -3.74 -23.57
CA LYS A 227 -0.66 -3.40 -24.95
C LYS A 227 0.19 -2.31 -25.59
N ASN A 228 0.75 -1.38 -24.79
CA ASN A 228 1.52 -0.22 -25.24
C ASN A 228 2.83 -0.27 -24.47
N PRO A 229 3.84 -1.02 -24.97
CA PRO A 229 4.99 -1.24 -24.13
C PRO A 229 5.76 0.04 -23.84
N MET A 230 6.17 0.17 -22.61
CA MET A 230 7.06 1.25 -22.25
C MET A 230 8.48 1.02 -22.79
N VAL A 231 9.22 2.10 -22.94
CA VAL A 231 10.54 2.07 -23.47
C VAL A 231 11.45 2.77 -22.47
N GLU A 232 12.50 2.06 -22.07
CA GLU A 232 13.47 2.57 -21.17
C GLU A 232 14.22 3.73 -21.80
N THR A 233 14.75 4.64 -20.97
CA THR A 233 15.61 5.76 -21.44
CA THR A 233 15.52 5.75 -21.54
C THR A 233 16.69 5.33 -22.43
N LEU A 234 17.36 4.22 -22.10
CA LEU A 234 18.48 3.81 -22.92
C LEU A 234 18.04 3.01 -24.18
N GLY A 235 16.72 2.78 -24.37
CA GLY A 235 16.16 2.33 -25.63
C GLY A 235 15.53 0.94 -25.71
N THR A 236 15.70 0.12 -24.67
CA THR A 236 15.02 -1.19 -24.67
C THR A 236 13.53 -1.06 -24.45
N VAL A 237 12.78 -1.79 -25.25
CA VAL A 237 11.33 -1.87 -25.16
C VAL A 237 11.02 -2.92 -24.10
N LEU A 238 10.24 -2.54 -23.08
CA LEU A 238 9.85 -3.46 -22.02
C LEU A 238 8.53 -4.19 -22.34
N GLN A 239 8.55 -5.16 -23.22
CA GLN A 239 7.36 -5.95 -23.49
C GLN A 239 7.04 -6.87 -22.35
N LEU A 240 5.78 -6.85 -21.96
CA LEU A 240 5.25 -7.67 -20.88
C LEU A 240 4.60 -8.88 -21.55
N LYS A 241 5.36 -9.95 -21.64
CA LYS A 241 5.00 -11.06 -22.48
C LYS A 241 4.24 -12.12 -21.70
N GLN A 242 4.74 -12.47 -20.49
CA GLN A 242 4.02 -13.37 -19.61
C GLN A 242 4.34 -13.03 -18.16
N PRO A 243 3.38 -13.28 -17.25
CA PRO A 243 3.57 -12.94 -15.83
C PRO A 243 4.55 -13.99 -15.25
N LEU A 244 5.32 -13.61 -14.26
CA LEU A 244 5.98 -14.62 -13.36
C LEU A 244 5.13 -14.69 -12.11
N ASN A 245 4.23 -15.70 -12.08
CA ASN A 245 3.18 -15.72 -11.09
C ASN A 245 3.74 -16.14 -9.74
N THR A 246 3.16 -15.61 -8.68
CA THR A 246 3.63 -15.98 -7.35
C THR A 246 3.28 -17.47 -7.10
N THR A 247 4.16 -18.19 -6.40
CA THR A 247 3.86 -19.51 -5.89
C THR A 247 3.49 -19.43 -4.38
N ARG A 248 3.64 -18.23 -3.76
CA ARG A 248 3.20 -17.94 -2.37
C ARG A 248 1.94 -18.70 -1.93
N THR B 7 -9.30 17.32 9.38
CA THR B 7 -9.98 17.84 10.59
C THR B 7 -10.16 16.72 11.66
N THR B 9 -11.50 15.10 15.35
CA THR B 9 -12.64 15.20 16.25
C THR B 9 -12.14 14.79 17.62
N GLU B 10 -12.32 15.66 18.62
CA GLU B 10 -12.06 15.33 20.04
C GLU B 10 -13.03 14.31 20.58
N VAL B 11 -12.51 13.34 21.36
CA VAL B 11 -13.36 12.25 21.85
C VAL B 11 -13.11 11.98 23.32
N ASP B 12 -14.07 11.28 23.88
CA ASP B 12 -13.92 10.60 25.15
C ASP B 12 -14.04 9.10 24.88
N LYS C 1 33.81 -7.57 -2.60
CA LYS C 1 32.59 -7.52 -3.45
C LYS C 1 31.52 -6.83 -2.62
N PHE C 2 31.08 -5.67 -3.11
CA PHE C 2 29.84 -5.06 -2.69
C PHE C 2 28.84 -5.18 -3.84
N MET C 3 27.61 -5.60 -3.55
CA MET C 3 26.51 -5.54 -4.54
C MET C 3 25.42 -4.51 -4.16
N PRO C 4 25.30 -3.38 -4.89
CA PRO C 4 24.28 -2.39 -4.53
C PRO C 4 22.88 -2.94 -4.85
N PRO C 5 21.82 -2.45 -4.19
CA PRO C 5 20.44 -2.74 -4.62
C PRO C 5 20.10 -2.28 -6.05
N PRO C 6 19.19 -3.02 -6.72
CA PRO C 6 18.81 -2.58 -8.05
C PRO C 6 18.23 -1.17 -8.05
N THR C 7 18.54 -0.40 -9.09
CA THR C 7 18.00 0.93 -9.28
C THR C 7 16.77 0.87 -10.11
N THR C 9 14.58 2.47 -13.25
CA THR C 9 14.88 2.95 -14.57
C THR C 9 13.75 3.88 -15.03
N GLU C 10 14.13 5.01 -15.63
CA GLU C 10 13.16 5.93 -16.24
C GLU C 10 12.67 5.38 -17.56
N VAL C 11 11.40 5.63 -17.87
CA VAL C 11 10.79 5.23 -19.12
C VAL C 11 9.99 6.39 -19.81
N ASP C 12 9.70 6.20 -21.08
CA ASP C 12 8.70 6.98 -21.87
C ASP C 12 8.93 8.43 -21.74
#